data_2RL9
#
_entry.id   2RL9
#
_cell.length_a   92.628
_cell.length_b   92.628
_cell.length_c   85.594
_cell.angle_alpha   90.00
_cell.angle_beta   90.00
_cell.angle_gamma   90.00
#
_symmetry.space_group_name_H-M   'P 43 21 2'
#
loop_
_entity.id
_entity.type
_entity.pdbx_description
1 polymer 'Cation-dependent mannose-6-phosphate receptor'
2 branched 6-O-phosphono-alpha-D-mannopyranose-(1-2)-alpha-D-mannopyranose-(1-2)-alpha-D-mannopyranose
3 non-polymer 2-acetamido-2-deoxy-beta-D-glucopyranose
4 non-polymer 'MANGANESE (II) ION'
5 water water
#
_entity_poly.entity_id   1
_entity_poly.type   'polypeptide(L)'
_entity_poly.pdbx_seq_one_letter_code
;TEEKTCDLVGEKGKESEKELALLKRLTPLFQKSFESTVGQSPDMYSYVFRVCREAGQHSSGAGLVQIQKSNGKETVVGRF
NETQIFQGSNWIMLIYKGGDEYDNHCGREQRRAVVMISCNRHTLADNFNPVSEERGKVQDCFYLFEMDSSLACS
;
_entity_poly.pdbx_strand_id   A,B
#
loop_
_chem_comp.id
_chem_comp.type
_chem_comp.name
_chem_comp.formula
M6P D-saccharide, alpha linking 6-O-phosphono-alpha-D-mannopyranose 'C6 H13 O9 P'
MAN D-saccharide, alpha linking alpha-D-mannopyranose 'C6 H12 O6'
MN non-polymer 'MANGANESE (II) ION' 'Mn 2'
NAG D-saccharide, beta linking 2-acetamido-2-deoxy-beta-D-glucopyranose 'C8 H15 N O6'
#
# COMPACT_ATOMS: atom_id res chain seq x y z
N LYS A 4 0.86 24.12 -9.25
CA LYS A 4 1.92 23.16 -8.82
C LYS A 4 1.52 22.33 -7.60
N THR A 5 1.42 21.02 -7.78
CA THR A 5 1.04 20.14 -6.67
C THR A 5 1.70 18.78 -6.82
N CYS A 6 0.91 17.75 -6.49
CA CYS A 6 1.37 16.38 -6.58
C CYS A 6 1.57 15.92 -8.02
N ASP A 7 2.64 15.17 -8.26
CA ASP A 7 2.95 14.67 -9.58
C ASP A 7 2.73 13.17 -9.61
N LEU A 8 1.84 12.73 -10.50
CA LEU A 8 1.52 11.31 -10.62
C LEU A 8 2.27 10.69 -11.79
N VAL A 9 2.57 9.40 -11.67
CA VAL A 9 3.30 8.68 -12.70
C VAL A 9 2.62 8.88 -14.05
N GLY A 10 3.41 9.23 -15.06
CA GLY A 10 2.87 9.46 -16.39
C GLY A 10 3.01 10.91 -16.81
N GLU A 11 2.64 11.20 -18.05
CA GLU A 11 2.71 12.57 -18.59
C GLU A 11 1.53 13.40 -18.11
N LYS A 12 1.73 14.70 -17.93
CA LYS A 12 0.66 15.57 -17.47
C LYS A 12 -0.59 15.38 -18.32
N GLY A 13 -1.75 15.32 -17.67
CA GLY A 13 -2.99 15.13 -18.39
C GLY A 13 -3.22 13.69 -18.83
N LYS A 14 -2.20 12.84 -18.66
CA LYS A 14 -2.31 11.44 -19.03
C LYS A 14 -2.26 10.51 -17.83
N GLU A 15 -2.33 11.09 -16.63
CA GLU A 15 -2.27 10.30 -15.41
C GLU A 15 -3.61 9.61 -15.11
N SER A 16 -3.54 8.58 -14.28
CA SER A 16 -4.73 7.84 -13.90
C SER A 16 -5.86 8.75 -13.46
N GLU A 17 -7.05 8.46 -13.94
CA GLU A 17 -8.22 9.24 -13.60
C GLU A 17 -8.65 8.91 -12.17
N LYS A 18 -8.29 7.72 -11.69
CA LYS A 18 -8.65 7.35 -10.33
C LYS A 18 -7.85 8.19 -9.32
N GLU A 19 -6.61 8.52 -9.68
CA GLU A 19 -5.77 9.32 -8.79
C GLU A 19 -6.09 10.81 -8.84
N LEU A 20 -6.36 11.34 -10.04
CA LEU A 20 -6.69 12.75 -10.16
C LEU A 20 -7.94 13.02 -9.34
N ALA A 21 -8.91 12.13 -9.47
CA ALA A 21 -10.16 12.24 -8.74
C ALA A 21 -9.84 12.39 -7.25
N LEU A 22 -9.00 11.49 -6.73
CA LEU A 22 -8.59 11.50 -5.31
C LEU A 22 -7.88 12.77 -4.89
N LEU A 23 -7.04 13.32 -5.75
CA LEU A 23 -6.33 14.56 -5.42
C LEU A 23 -7.31 15.72 -5.26
N LYS A 24 -8.41 15.67 -6.02
CA LYS A 24 -9.43 16.71 -5.94
C LYS A 24 -10.16 16.66 -4.61
N ARG A 25 -10.42 15.45 -4.13
CA ARG A 25 -11.13 15.29 -2.88
C ARG A 25 -10.29 15.74 -1.70
N LEU A 26 -8.97 15.77 -1.87
CA LEU A 26 -8.08 16.17 -0.79
C LEU A 26 -7.65 17.62 -0.81
N THR A 27 -8.15 18.37 -1.79
CA THR A 27 -7.82 19.78 -1.93
C THR A 27 -7.92 20.60 -0.64
N PRO A 28 -9.03 20.48 0.11
CA PRO A 28 -9.18 21.23 1.36
C PRO A 28 -8.08 20.99 2.40
N LEU A 29 -7.25 19.99 2.17
CA LEU A 29 -6.16 19.68 3.10
C LEU A 29 -4.86 20.32 2.64
N PHE A 30 -4.83 20.76 1.38
CA PHE A 30 -3.65 21.39 0.78
C PHE A 30 -3.04 22.52 1.59
N GLN A 31 -3.87 23.46 2.01
CA GLN A 31 -3.40 24.62 2.75
C GLN A 31 -3.11 24.38 4.23
N LYS A 32 -3.31 23.16 4.70
CA LYS A 32 -3.04 22.87 6.10
C LYS A 32 -1.63 22.30 6.28
N SER A 33 -1.25 22.04 7.53
CA SER A 33 0.06 21.50 7.83
C SER A 33 -0.08 20.59 9.05
N PHE A 34 0.43 19.37 8.96
CA PHE A 34 0.30 18.43 10.07
C PHE A 34 1.64 18.11 10.70
N GLU A 35 1.66 18.00 12.03
CA GLU A 35 2.90 17.72 12.74
C GLU A 35 2.73 16.62 13.81
N SER A 36 3.74 15.77 13.93
CA SER A 36 3.75 14.66 14.89
C SER A 36 3.91 15.17 16.33
N THR A 37 3.22 14.52 17.27
CA THR A 37 3.32 14.92 18.67
C THR A 37 4.38 14.10 19.40
N ASP A 43 11.13 10.96 22.36
CA ASP A 43 11.29 10.74 20.92
C ASP A 43 12.69 11.08 20.47
N MET A 44 12.78 11.99 19.49
CA MET A 44 14.07 12.40 18.92
C MET A 44 13.81 13.20 17.63
N TYR A 45 12.75 12.84 16.91
CA TYR A 45 12.41 13.51 15.66
C TYR A 45 11.05 14.18 15.67
N SER A 46 10.89 15.09 14.72
CA SER A 46 9.66 15.81 14.51
C SER A 46 9.33 15.62 13.03
N TYR A 47 8.10 15.22 12.73
CA TYR A 47 7.73 15.02 11.34
C TYR A 47 6.68 16.06 10.97
N VAL A 48 6.84 16.63 9.78
CA VAL A 48 5.90 17.62 9.28
C VAL A 48 5.39 17.09 7.94
N PHE A 49 4.08 17.01 7.82
CA PHE A 49 3.45 16.48 6.62
C PHE A 49 2.54 17.50 5.95
N ARG A 50 2.53 17.48 4.62
CA ARG A 50 1.67 18.35 3.83
C ARG A 50 1.23 17.66 2.55
N VAL A 51 0.00 17.91 2.13
CA VAL A 51 -0.55 17.32 0.92
C VAL A 51 -0.26 18.17 -0.31
N CYS A 52 0.60 17.67 -1.18
CA CYS A 52 0.98 18.36 -2.42
C CYS A 52 1.56 19.76 -2.24
N ARG A 53 2.19 19.98 -1.10
CA ARG A 53 2.79 21.28 -0.79
C ARG A 53 4.11 21.12 -0.04
N GLU A 54 4.99 22.11 -0.18
CA GLU A 54 6.29 22.09 0.49
C GLU A 54 6.14 22.07 2.02
N ALA A 55 6.73 21.06 2.66
CA ALA A 55 6.65 20.88 4.10
C ALA A 55 7.96 21.27 4.78
N GLY A 56 9.00 21.40 3.97
CA GLY A 56 10.30 21.75 4.50
C GLY A 56 10.60 23.22 4.34
N GLN A 57 11.75 23.64 4.84
CA GLN A 57 12.16 25.04 4.78
C GLN A 57 13.38 25.25 3.90
N HIS A 58 13.61 24.33 2.97
CA HIS A 58 14.78 24.44 2.09
C HIS A 58 14.48 24.26 0.61
N SER A 59 13.22 24.52 0.24
CA SER A 59 12.77 24.42 -1.15
C SER A 59 13.13 23.11 -1.83
N SER A 60 13.23 22.04 -1.05
CA SER A 60 13.57 20.75 -1.61
C SER A 60 12.39 20.08 -2.32
N GLY A 61 11.19 20.57 -2.07
CA GLY A 61 10.00 20.00 -2.69
C GLY A 61 9.52 18.80 -1.88
N ALA A 62 9.76 18.85 -0.58
CA ALA A 62 9.38 17.77 0.33
C ALA A 62 7.88 17.71 0.60
N GLY A 63 7.36 16.49 0.69
CA GLY A 63 5.95 16.30 0.98
C GLY A 63 5.84 16.03 2.46
N LEU A 64 6.87 15.36 3.00
CA LEU A 64 6.95 15.02 4.42
C LEU A 64 8.41 15.03 4.82
N VAL A 65 8.74 15.74 5.89
CA VAL A 65 10.12 15.82 6.36
C VAL A 65 10.32 15.38 7.79
N GLN A 66 11.51 14.86 8.08
CA GLN A 66 11.88 14.43 9.41
C GLN A 66 12.94 15.38 9.95
N ILE A 67 12.63 16.04 11.05
CA ILE A 67 13.56 16.98 11.63
C ILE A 67 14.29 16.41 12.84
N GLN A 68 15.59 16.64 12.88
CA GLN A 68 16.45 16.19 13.96
C GLN A 68 16.36 17.28 15.02
N LYS A 69 15.58 17.07 16.05
CA LYS A 69 15.41 18.06 17.10
C LYS A 69 16.70 18.70 17.64
N SER A 70 17.68 17.87 17.95
CA SER A 70 18.93 18.35 18.54
C SER A 70 19.78 19.27 17.68
N ASN A 71 19.79 19.04 16.37
CA ASN A 71 20.62 19.84 15.46
C ASN A 71 19.86 20.53 14.32
N GLY A 72 18.54 20.42 14.32
CA GLY A 72 17.71 21.03 13.29
C GLY A 72 17.89 20.51 11.87
N LYS A 73 18.52 19.36 11.72
CA LYS A 73 18.71 18.80 10.39
C LYS A 73 17.40 18.34 9.79
N GLU A 74 17.17 18.74 8.53
CA GLU A 74 15.93 18.35 7.86
C GLU A 74 16.16 17.22 6.88
N THR A 75 15.51 16.09 7.12
CA THR A 75 15.66 14.95 6.23
C THR A 75 14.38 14.76 5.44
N VAL A 76 14.50 14.73 4.12
CA VAL A 76 13.31 14.54 3.28
C VAL A 76 12.94 13.07 3.23
N VAL A 77 11.77 12.77 3.78
CA VAL A 77 11.28 11.40 3.79
C VAL A 77 10.71 11.07 2.42
N GLY A 78 9.98 12.02 1.84
CA GLY A 78 9.40 11.81 0.53
C GLY A 78 8.99 13.12 -0.10
N ARG A 79 9.07 13.23 -1.43
CA ARG A 79 8.70 14.46 -2.14
C ARG A 79 7.37 14.31 -2.89
N PHE A 80 6.59 15.38 -2.95
CA PHE A 80 5.28 15.30 -3.63
C PHE A 80 5.28 15.29 -5.16
N ASN A 81 6.45 15.46 -5.77
CA ASN A 81 6.49 15.42 -7.23
C ASN A 81 6.51 13.93 -7.62
N GLU A 82 6.48 13.07 -6.62
CA GLU A 82 6.48 11.63 -6.83
C GLU A 82 5.42 10.99 -5.95
N THR A 83 4.17 11.33 -6.23
CA THR A 83 3.05 10.80 -5.46
C THR A 83 2.35 9.60 -6.09
N GLN A 84 1.72 8.80 -5.23
CA GLN A 84 0.92 7.66 -5.66
C GLN A 84 -0.23 7.68 -4.66
N ILE A 85 -1.46 7.59 -5.14
CA ILE A 85 -2.57 7.60 -4.21
C ILE A 85 -3.77 6.77 -4.65
N PHE A 86 -4.35 6.05 -3.70
CA PHE A 86 -5.50 5.21 -3.97
C PHE A 86 -6.32 5.05 -2.71
N GLN A 87 -7.54 4.57 -2.86
CA GLN A 87 -8.43 4.38 -1.72
C GLN A 87 -9.21 3.08 -1.70
N GLY A 88 -9.62 2.70 -0.51
CA GLY A 88 -10.43 1.51 -0.32
C GLY A 88 -11.79 1.97 0.13
N SER A 89 -12.45 1.20 0.99
CA SER A 89 -13.79 1.56 1.47
C SER A 89 -13.87 2.78 2.37
N ASN A 90 -13.10 2.78 3.44
CA ASN A 90 -13.10 3.89 4.38
C ASN A 90 -11.68 4.32 4.74
N TRP A 91 -10.79 4.21 3.76
CA TRP A 91 -9.39 4.61 3.93
C TRP A 91 -8.77 4.95 2.60
N ILE A 92 -7.79 5.85 2.65
CA ILE A 92 -7.05 6.30 1.49
C ILE A 92 -5.58 6.18 1.86
N MET A 93 -4.77 5.73 0.92
CA MET A 93 -3.35 5.59 1.18
C MET A 93 -2.58 6.49 0.23
N LEU A 94 -1.74 7.35 0.79
CA LEU A 94 -0.94 8.27 0.00
C LEU A 94 0.52 7.89 0.18
N ILE A 95 1.27 7.88 -0.91
CA ILE A 95 2.68 7.54 -0.83
C ILE A 95 3.56 8.54 -1.57
N TYR A 96 4.55 9.08 -0.86
CA TYR A 96 5.50 10.03 -1.44
C TYR A 96 6.81 9.30 -1.62
N LYS A 97 7.31 9.24 -2.86
CA LYS A 97 8.59 8.60 -3.09
C LYS A 97 9.72 9.64 -3.21
N GLY A 98 10.93 9.16 -3.40
CA GLY A 98 12.08 10.05 -3.58
C GLY A 98 12.57 10.91 -2.44
N GLY A 99 12.80 10.32 -1.27
CA GLY A 99 13.30 11.11 -0.16
C GLY A 99 14.81 11.13 -0.26
N ASP A 100 15.50 11.57 0.79
CA ASP A 100 16.95 11.59 0.73
C ASP A 100 17.41 10.16 0.80
N GLU A 101 18.46 9.84 0.06
CA GLU A 101 18.97 8.49 0.05
C GLU A 101 19.53 8.03 1.38
N TYR A 102 19.37 6.75 1.67
CA TYR A 102 19.92 6.16 2.89
C TYR A 102 21.41 6.03 2.64
N ASP A 103 22.21 6.05 3.69
CA ASP A 103 23.65 5.90 3.53
C ASP A 103 24.16 4.50 3.92
N ASN A 104 23.57 3.93 4.97
CA ASN A 104 23.97 2.62 5.46
C ASN A 104 22.79 1.66 5.60
N HIS A 105 21.72 1.88 4.85
CA HIS A 105 20.56 1.00 4.92
C HIS A 105 19.90 0.89 3.55
N CYS A 106 19.01 -0.09 3.44
CA CYS A 106 18.22 -0.31 2.24
C CYS A 106 18.92 -0.09 0.92
N GLY A 107 20.05 -0.75 0.70
CA GLY A 107 20.76 -0.58 -0.56
C GLY A 107 20.95 0.88 -0.93
N ARG A 108 20.99 1.74 0.08
CA ARG A 108 21.16 3.17 -0.12
C ARG A 108 20.13 3.74 -1.11
N GLU A 109 18.88 3.32 -0.95
CA GLU A 109 17.80 3.81 -1.81
C GLU A 109 17.21 5.08 -1.20
N GLN A 110 16.38 5.78 -1.98
CA GLN A 110 15.76 7.01 -1.51
C GLN A 110 14.69 6.69 -0.47
N ARG A 111 14.58 7.53 0.56
CA ARG A 111 13.58 7.30 1.58
C ARG A 111 12.19 7.33 0.93
N ARG A 112 11.17 6.96 1.72
CA ARG A 112 9.81 6.89 1.21
C ARG A 112 8.75 7.09 2.33
N ALA A 113 7.62 7.69 1.98
CA ALA A 113 6.57 7.94 2.96
C ALA A 113 5.24 7.25 2.65
N VAL A 114 4.71 6.51 3.60
CA VAL A 114 3.43 5.83 3.42
C VAL A 114 2.48 6.36 4.49
N VAL A 115 1.45 7.05 4.06
CA VAL A 115 0.50 7.60 4.99
C VAL A 115 -0.86 6.92 4.83
N MET A 116 -1.34 6.31 5.91
CA MET A 116 -2.63 5.64 5.90
C MET A 116 -3.65 6.63 6.45
N ILE A 117 -4.61 7.02 5.62
CA ILE A 117 -5.64 7.95 6.06
C ILE A 117 -6.97 7.25 6.27
N SER A 118 -7.35 7.05 7.53
CA SER A 118 -8.61 6.38 7.87
C SER A 118 -9.77 7.37 8.01
N CYS A 119 -10.98 6.88 7.77
CA CYS A 119 -12.18 7.70 7.87
C CYS A 119 -12.52 8.09 9.30
N ASN A 120 -13.07 9.29 9.45
CA ASN A 120 -13.47 9.80 10.74
C ASN A 120 -14.40 10.97 10.48
N ARG A 121 -15.66 10.81 10.83
CA ARG A 121 -16.69 11.83 10.62
C ARG A 121 -16.44 13.15 11.34
N HIS A 122 -15.93 13.07 12.55
CA HIS A 122 -15.68 14.21 13.42
C HIS A 122 -14.59 15.22 13.07
N THR A 123 -13.67 14.87 12.19
CA THR A 123 -12.60 15.80 11.85
C THR A 123 -12.29 15.83 10.36
N LEU A 124 -11.85 16.98 9.89
CA LEU A 124 -11.49 17.13 8.49
C LEU A 124 -10.09 16.53 8.31
N ALA A 125 -9.32 16.55 9.40
CA ALA A 125 -7.97 16.01 9.40
C ALA A 125 -7.34 16.15 10.78
N ASP A 126 -6.84 15.05 11.33
CA ASP A 126 -6.22 15.09 12.65
C ASP A 126 -5.62 13.74 13.04
N ASN A 127 -4.82 13.77 14.11
CA ASN A 127 -4.19 12.58 14.65
C ASN A 127 -3.06 12.01 13.80
N PHE A 128 -2.31 12.90 13.17
CA PHE A 128 -1.17 12.50 12.35
C PHE A 128 -0.08 12.02 13.31
N ASN A 129 0.35 10.79 13.14
CA ASN A 129 1.39 10.22 13.98
C ASN A 129 2.25 9.21 13.26
N PRO A 130 3.53 9.14 13.63
CA PRO A 130 4.39 8.17 12.98
C PRO A 130 4.00 6.81 13.52
N VAL A 131 4.15 5.77 12.72
CA VAL A 131 3.83 4.43 13.17
C VAL A 131 5.15 3.68 13.30
N SER A 132 5.96 3.74 12.25
CA SER A 132 7.24 3.08 12.30
C SER A 132 8.06 3.34 11.06
N GLU A 133 9.28 2.84 11.09
CA GLU A 133 10.18 2.98 9.97
C GLU A 133 10.75 1.60 9.73
N GLU A 134 10.58 1.10 8.52
CA GLU A 134 11.11 -0.19 8.14
C GLU A 134 12.42 0.03 7.39
N ARG A 135 13.53 0.01 8.10
CA ARG A 135 14.82 0.22 7.47
C ARG A 135 15.66 -1.06 7.48
N GLY A 136 15.01 -2.19 7.73
CA GLY A 136 15.75 -3.44 7.81
C GLY A 136 15.67 -4.36 6.61
N LYS A 137 15.51 -3.81 5.41
CA LYS A 137 15.40 -4.63 4.22
C LYS A 137 16.40 -4.22 3.15
N VAL A 138 16.79 -5.18 2.32
CA VAL A 138 17.73 -4.95 1.24
C VAL A 138 17.16 -3.91 0.27
N GLN A 139 15.84 -3.76 0.30
CA GLN A 139 15.17 -2.79 -0.55
C GLN A 139 13.72 -2.65 -0.11
N ASP A 140 13.03 -1.71 -0.72
CA ASP A 140 11.62 -1.43 -0.43
C ASP A 140 11.30 -1.04 1.01
N CYS A 141 12.19 -0.25 1.58
CA CYS A 141 11.99 0.22 2.94
C CYS A 141 10.96 1.35 2.88
N PHE A 142 10.58 1.88 4.05
CA PHE A 142 9.60 2.97 4.10
C PHE A 142 9.28 3.47 5.51
N TYR A 143 8.74 4.69 5.58
CA TYR A 143 8.30 5.28 6.86
C TYR A 143 6.79 5.16 6.77
N LEU A 144 6.14 4.81 7.87
CA LEU A 144 4.70 4.64 7.88
C LEU A 144 4.01 5.61 8.83
N PHE A 145 2.98 6.28 8.33
CA PHE A 145 2.23 7.23 9.17
C PHE A 145 0.73 7.00 9.03
N GLU A 146 -0.02 7.40 10.05
CA GLU A 146 -1.47 7.29 10.00
C GLU A 146 -2.08 8.62 10.38
N MET A 147 -3.26 8.90 9.81
CA MET A 147 -3.99 10.13 10.10
C MET A 147 -5.47 9.93 9.83
N ASP A 148 -6.30 10.67 10.57
CA ASP A 148 -7.75 10.60 10.41
C ASP A 148 -8.25 11.74 9.52
N SER A 149 -9.37 11.49 8.85
CA SER A 149 -9.96 12.50 7.97
C SER A 149 -11.34 12.07 7.51
N SER A 150 -12.28 13.02 7.52
CA SER A 150 -13.64 12.75 7.10
C SER A 150 -13.68 12.53 5.58
N LEU A 151 -12.64 13.02 4.90
CA LEU A 151 -12.57 12.86 3.45
C LEU A 151 -12.26 11.43 3.08
N ALA A 152 -11.97 10.61 4.08
CA ALA A 152 -11.64 9.20 3.85
C ALA A 152 -12.88 8.34 4.06
N CYS A 153 -14.02 9.00 4.22
CA CYS A 153 -15.28 8.31 4.42
C CYS A 153 -16.07 8.24 3.11
N SER A 154 -16.91 7.23 2.98
CA SER A 154 -17.74 7.06 1.79
C SER A 154 -19.06 6.36 2.15
N LYS B 4 6.33 -25.05 1.18
CA LYS B 4 6.40 -23.74 0.48
C LYS B 4 5.50 -22.69 1.14
N THR B 5 6.12 -21.64 1.67
CA THR B 5 5.39 -20.56 2.32
C THR B 5 5.72 -19.27 1.58
N CYS B 6 5.20 -18.14 2.05
CA CYS B 6 5.49 -16.85 1.41
C CYS B 6 6.99 -16.53 1.42
N ASP B 7 7.47 -15.87 0.36
CA ASP B 7 8.88 -15.50 0.30
C ASP B 7 8.99 -13.99 0.41
N LEU B 8 9.92 -13.52 1.25
CA LEU B 8 10.11 -12.09 1.42
C LEU B 8 11.31 -11.59 0.63
N VAL B 9 11.43 -10.27 0.53
CA VAL B 9 12.53 -9.67 -0.22
C VAL B 9 13.89 -9.88 0.45
N GLY B 10 14.85 -10.34 -0.33
CA GLY B 10 16.19 -10.58 0.19
C GLY B 10 16.49 -12.05 0.44
N GLU B 11 17.77 -12.41 0.29
CA GLU B 11 18.20 -13.77 0.51
C GLU B 11 17.83 -14.13 1.96
N LYS B 12 17.84 -15.41 2.31
CA LYS B 12 17.49 -15.80 3.66
C LYS B 12 18.49 -15.14 4.61
N GLY B 13 17.98 -14.57 5.70
CA GLY B 13 18.85 -13.92 6.66
C GLY B 13 18.85 -12.40 6.56
N LYS B 14 18.79 -11.89 5.34
CA LYS B 14 18.78 -10.44 5.11
C LYS B 14 17.33 -9.97 5.14
N GLU B 15 16.43 -10.86 5.53
CA GLU B 15 15.00 -10.59 5.59
C GLU B 15 14.59 -9.75 6.79
N SER B 16 13.51 -8.99 6.62
CA SER B 16 12.99 -8.11 7.65
C SER B 16 12.40 -8.91 8.82
N GLU B 17 12.90 -8.66 10.02
CA GLU B 17 12.41 -9.36 11.20
C GLU B 17 10.96 -8.94 11.46
N LYS B 18 10.60 -7.74 11.01
CA LYS B 18 9.25 -7.22 11.15
C LYS B 18 8.31 -8.06 10.29
N GLU B 19 8.65 -8.19 9.01
CA GLU B 19 7.85 -8.97 8.08
C GLU B 19 7.78 -10.44 8.48
N LEU B 20 8.86 -10.96 9.06
CA LEU B 20 8.86 -12.35 9.48
C LEU B 20 7.90 -12.49 10.66
N ALA B 21 7.98 -11.56 11.60
CA ALA B 21 7.12 -11.62 12.78
C ALA B 21 5.66 -11.58 12.34
N LEU B 22 5.39 -10.90 11.23
CA LEU B 22 4.04 -10.81 10.73
C LEU B 22 3.60 -12.10 10.06
N LEU B 23 4.50 -12.72 9.29
CA LEU B 23 4.17 -13.99 8.65
C LEU B 23 3.81 -15.02 9.70
N LYS B 24 4.59 -15.04 10.77
CA LYS B 24 4.39 -15.96 11.87
C LYS B 24 3.00 -15.73 12.46
N ARG B 25 2.59 -14.48 12.53
CA ARG B 25 1.29 -14.10 13.07
C ARG B 25 0.12 -14.57 12.19
N LEU B 26 0.30 -14.51 10.87
CA LEU B 26 -0.75 -14.90 9.94
C LEU B 26 -0.90 -16.40 9.73
N THR B 27 -0.02 -17.17 10.37
CA THR B 27 -0.02 -18.63 10.27
C THR B 27 -1.40 -19.28 10.28
N PRO B 28 -2.26 -18.94 11.27
CA PRO B 28 -3.60 -19.51 11.35
C PRO B 28 -4.51 -19.35 10.13
N LEU B 29 -4.11 -18.49 9.20
CA LEU B 29 -4.89 -18.27 7.98
C LEU B 29 -4.34 -19.09 6.83
N PHE B 30 -3.18 -19.72 7.01
CA PHE B 30 -2.58 -20.50 5.93
C PHE B 30 -3.50 -21.59 5.40
N GLN B 31 -4.18 -22.28 6.31
CA GLN B 31 -5.09 -23.37 5.94
C GLN B 31 -6.38 -22.89 5.28
N LYS B 32 -6.69 -21.61 5.44
CA LYS B 32 -7.93 -21.04 4.89
C LYS B 32 -7.91 -20.65 3.41
N SER B 33 -9.09 -20.59 2.84
CA SER B 33 -9.23 -20.22 1.44
C SER B 33 -10.36 -19.21 1.30
N PHE B 34 -10.17 -18.21 0.45
CA PHE B 34 -11.18 -17.17 0.25
C PHE B 34 -11.61 -17.03 -1.21
N GLU B 35 -12.90 -16.82 -1.44
CA GLU B 35 -13.44 -16.73 -2.80
C GLU B 35 -14.47 -15.62 -2.98
N SER B 36 -14.58 -15.10 -4.20
CA SER B 36 -15.55 -14.07 -4.51
C SER B 36 -15.78 -13.89 -6.00
N THR B 37 -17.04 -13.67 -6.38
CA THR B 37 -17.41 -13.47 -7.78
C THR B 37 -18.00 -12.09 -8.01
N VAL B 38 -17.22 -11.26 -8.70
CA VAL B 38 -17.59 -9.88 -9.02
C VAL B 38 -17.79 -9.73 -10.53
N GLY B 39 -18.49 -8.66 -10.94
CA GLY B 39 -18.70 -8.41 -12.36
C GLY B 39 -20.09 -8.68 -12.92
N GLN B 40 -20.29 -8.27 -14.17
CA GLN B 40 -21.58 -8.47 -14.85
C GLN B 40 -21.54 -9.59 -15.88
N SER B 41 -20.70 -9.43 -16.91
CA SER B 41 -20.57 -10.45 -17.95
C SER B 41 -19.13 -10.46 -18.47
N PRO B 42 -18.70 -9.38 -19.14
CA PRO B 42 -17.31 -9.40 -19.61
C PRO B 42 -16.47 -9.07 -18.37
N ASP B 43 -17.13 -9.18 -17.22
CA ASP B 43 -16.53 -8.91 -15.91
C ASP B 43 -16.82 -10.06 -14.94
N MET B 44 -17.60 -11.05 -15.35
CA MET B 44 -17.90 -12.18 -14.47
C MET B 44 -16.61 -12.86 -14.03
N TYR B 45 -16.02 -12.34 -12.96
CA TYR B 45 -14.77 -12.88 -12.43
C TYR B 45 -14.98 -13.53 -11.07
N SER B 46 -14.15 -14.52 -10.79
CA SER B 46 -14.17 -15.21 -9.52
C SER B 46 -12.72 -15.16 -9.04
N TYR B 47 -12.49 -14.49 -7.92
CA TYR B 47 -11.15 -14.35 -7.37
C TYR B 47 -10.92 -15.32 -6.22
N VAL B 48 -9.91 -16.17 -6.34
CA VAL B 48 -9.59 -17.11 -5.29
C VAL B 48 -8.30 -16.64 -4.61
N PHE B 49 -8.38 -16.45 -3.29
CA PHE B 49 -7.26 -15.96 -2.49
C PHE B 49 -6.84 -16.87 -1.35
N ARG B 50 -5.53 -16.98 -1.17
CA ARG B 50 -4.96 -17.77 -0.09
C ARG B 50 -3.73 -17.05 0.46
N VAL B 51 -3.38 -17.36 1.71
CA VAL B 51 -2.22 -16.75 2.36
C VAL B 51 -1.04 -17.71 2.40
N CYS B 52 -0.08 -17.49 1.51
CA CYS B 52 1.12 -18.31 1.41
C CYS B 52 0.87 -19.76 0.96
N ARG B 53 -0.22 -19.97 0.24
CA ARG B 53 -0.57 -21.29 -0.28
C ARG B 53 -1.08 -21.15 -1.71
N GLU B 54 -0.91 -22.20 -2.50
CA GLU B 54 -1.34 -22.21 -3.90
C GLU B 54 -2.86 -21.99 -4.02
N ALA B 55 -3.24 -20.85 -4.58
CA ALA B 55 -4.64 -20.53 -4.77
C ALA B 55 -5.08 -20.99 -6.16
N GLY B 56 -4.15 -21.56 -6.90
CA GLY B 56 -4.47 -22.01 -8.24
C GLY B 56 -4.46 -23.52 -8.45
N GLN B 57 -4.90 -23.93 -9.63
CA GLN B 57 -4.95 -25.34 -9.99
C GLN B 57 -3.99 -25.61 -11.13
N HIS B 58 -2.94 -24.79 -11.23
CA HIS B 58 -1.94 -24.95 -12.27
C HIS B 58 -0.54 -25.02 -11.68
N SER B 59 -0.49 -25.10 -10.35
CA SER B 59 0.78 -25.22 -9.62
C SER B 59 1.81 -24.13 -9.97
N SER B 60 1.34 -22.96 -10.39
CA SER B 60 2.25 -21.88 -10.75
C SER B 60 2.65 -20.98 -9.58
N GLY B 61 2.23 -21.36 -8.38
CA GLY B 61 2.59 -20.57 -7.20
C GLY B 61 1.77 -19.31 -7.05
N ALA B 62 0.48 -19.39 -7.36
CA ALA B 62 -0.42 -18.26 -7.27
C ALA B 62 -0.93 -18.05 -5.85
N GLY B 63 -0.89 -16.80 -5.39
CA GLY B 63 -1.40 -16.50 -4.07
C GLY B 63 -2.80 -15.96 -4.21
N LEU B 64 -3.14 -15.59 -5.45
CA LEU B 64 -4.47 -15.07 -5.73
C LEU B 64 -4.71 -15.20 -7.23
N VAL B 65 -5.78 -15.89 -7.61
CA VAL B 65 -6.11 -16.07 -9.02
C VAL B 65 -7.43 -15.45 -9.41
N GLN B 66 -7.52 -15.06 -10.67
CA GLN B 66 -8.72 -14.47 -11.22
C GLN B 66 -9.28 -15.41 -12.27
N ILE B 67 -10.42 -15.99 -11.96
CA ILE B 67 -11.08 -16.93 -12.85
C ILE B 67 -12.19 -16.25 -13.63
N GLN B 68 -12.11 -16.36 -14.96
CA GLN B 68 -13.12 -15.81 -15.85
C GLN B 68 -14.20 -16.87 -15.95
N LYS B 69 -15.33 -16.62 -15.28
CA LYS B 69 -16.43 -17.59 -15.23
C LYS B 69 -16.83 -18.17 -16.58
N SER B 70 -16.93 -17.32 -17.60
CA SER B 70 -17.32 -17.77 -18.93
C SER B 70 -16.52 -18.97 -19.48
N ASN B 71 -15.19 -18.82 -19.57
CA ASN B 71 -14.37 -19.90 -20.10
C ASN B 71 -13.42 -20.54 -19.10
N GLY B 72 -13.64 -20.26 -17.82
CA GLY B 72 -12.80 -20.82 -16.77
C GLY B 72 -11.30 -20.58 -16.87
N LYS B 73 -10.87 -19.68 -17.75
CA LYS B 73 -9.44 -19.40 -17.86
C LYS B 73 -8.91 -18.76 -16.59
N GLU B 74 -7.81 -19.32 -16.08
CA GLU B 74 -7.19 -18.90 -14.84
C GLU B 74 -6.02 -17.93 -15.01
N THR B 75 -6.16 -16.73 -14.43
CA THR B 75 -5.10 -15.72 -14.50
C THR B 75 -4.49 -15.57 -13.12
N VAL B 76 -3.16 -15.50 -13.06
CA VAL B 76 -2.49 -15.33 -11.78
C VAL B 76 -2.33 -13.85 -11.47
N VAL B 77 -2.97 -13.37 -10.41
CA VAL B 77 -2.89 -11.97 -10.05
C VAL B 77 -1.65 -11.64 -9.21
N GLY B 78 -1.21 -12.58 -8.38
CA GLY B 78 -0.02 -12.34 -7.56
C GLY B 78 0.57 -13.64 -7.09
N ARG B 79 1.87 -13.66 -6.80
CA ARG B 79 2.54 -14.87 -6.34
C ARG B 79 3.14 -14.70 -4.94
N PHE B 80 2.88 -15.67 -4.06
CA PHE B 80 3.35 -15.58 -2.68
C PHE B 80 4.83 -15.80 -2.44
N ASN B 81 5.62 -15.78 -3.49
CA ASN B 81 7.05 -15.93 -3.29
C ASN B 81 7.67 -14.56 -3.57
N GLU B 82 6.80 -13.57 -3.70
CA GLU B 82 7.15 -12.18 -3.93
C GLU B 82 6.19 -11.39 -3.06
N THR B 83 6.16 -11.79 -1.79
CA THR B 83 5.27 -11.20 -0.80
C THR B 83 5.90 -10.11 0.05
N GLN B 84 5.07 -9.12 0.38
CA GLN B 84 5.46 -8.01 1.23
C GLN B 84 4.28 -7.79 2.18
N ILE B 85 4.59 -7.52 3.44
CA ILE B 85 3.55 -7.26 4.43
C ILE B 85 3.99 -6.25 5.46
N PHE B 86 3.00 -5.53 5.98
CA PHE B 86 3.23 -4.54 7.02
C PHE B 86 1.89 -4.22 7.64
N GLN B 87 1.92 -3.80 8.90
CA GLN B 87 0.69 -3.48 9.58
C GLN B 87 0.75 -2.12 10.23
N GLY B 88 -0.43 -1.54 10.39
CA GLY B 88 -0.55 -0.26 11.04
C GLY B 88 -1.25 -0.56 12.35
N SER B 89 -2.04 0.38 12.83
CA SER B 89 -2.72 0.20 14.09
C SER B 89 -3.81 -0.86 14.06
N ASN B 90 -4.71 -0.80 13.09
CA ASN B 90 -5.80 -1.76 13.03
C ASN B 90 -6.03 -2.40 11.67
N TRP B 91 -4.93 -2.56 10.92
CA TRP B 91 -5.02 -3.13 9.60
C TRP B 91 -3.69 -3.80 9.25
N ILE B 92 -3.73 -4.64 8.24
CA ILE B 92 -2.53 -5.31 7.78
C ILE B 92 -2.63 -5.28 6.28
N MET B 93 -1.59 -4.80 5.61
CA MET B 93 -1.61 -4.79 4.16
C MET B 93 -0.76 -5.92 3.65
N LEU B 94 -1.33 -6.70 2.73
CA LEU B 94 -0.64 -7.82 2.14
C LEU B 94 -0.48 -7.56 0.65
N ILE B 95 0.71 -7.79 0.12
CA ILE B 95 0.92 -7.58 -1.31
C ILE B 95 1.66 -8.74 -1.97
N TYR B 96 1.07 -9.28 -3.03
CA TYR B 96 1.67 -10.36 -3.79
C TYR B 96 2.06 -9.77 -5.14
N LYS B 97 3.32 -9.92 -5.53
CA LYS B 97 3.77 -9.41 -6.83
C LYS B 97 4.03 -10.61 -7.74
N GLY B 98 4.75 -10.39 -8.83
CA GLY B 98 5.04 -11.47 -9.74
C GLY B 98 3.82 -12.07 -10.43
N GLY B 99 2.75 -11.28 -10.56
CA GLY B 99 1.56 -11.79 -11.22
C GLY B 99 1.78 -11.82 -12.71
N ASP B 100 0.84 -12.39 -13.47
CA ASP B 100 0.98 -12.46 -14.93
C ASP B 100 1.10 -11.10 -15.60
N GLU B 101 1.93 -11.03 -16.65
CA GLU B 101 2.13 -9.79 -17.36
C GLU B 101 0.90 -9.29 -18.09
N TYR B 102 0.73 -7.98 -18.11
CA TYR B 102 -0.37 -7.40 -18.84
C TYR B 102 0.11 -7.48 -20.28
N ASP B 103 -0.81 -7.59 -21.22
CA ASP B 103 -0.46 -7.66 -22.63
C ASP B 103 -0.61 -6.30 -23.32
N ASN B 104 -1.62 -5.55 -22.91
CA ASN B 104 -1.91 -4.24 -23.49
C ASN B 104 -2.21 -3.16 -22.45
N HIS B 105 -1.62 -3.30 -21.27
CA HIS B 105 -1.83 -2.32 -20.19
C HIS B 105 -0.60 -2.21 -19.32
N CYS B 106 -0.47 -1.07 -18.66
CA CYS B 106 0.62 -0.80 -17.72
C CYS B 106 2.04 -1.16 -18.15
N GLY B 107 2.39 -0.90 -19.41
CA GLY B 107 3.73 -1.23 -19.86
C GLY B 107 4.00 -2.72 -19.80
N ARG B 108 2.92 -3.50 -19.86
CA ARG B 108 3.01 -4.96 -19.81
C ARG B 108 3.79 -5.46 -18.62
N GLU B 109 3.58 -4.83 -17.46
CA GLU B 109 4.27 -5.23 -16.24
C GLU B 109 3.44 -6.35 -15.60
N GLN B 110 4.07 -7.12 -14.72
CA GLN B 110 3.39 -8.22 -14.04
C GLN B 110 2.24 -7.69 -13.17
N ARG B 111 1.21 -8.52 -13.02
CA ARG B 111 0.04 -8.12 -12.22
C ARG B 111 0.39 -8.07 -10.73
N ARG B 112 -0.43 -7.37 -9.97
CA ARG B 112 -0.19 -7.20 -8.55
C ARG B 112 -1.50 -7.26 -7.78
N ALA B 113 -1.46 -7.84 -6.58
CA ALA B 113 -2.63 -7.92 -5.73
C ALA B 113 -2.36 -7.26 -4.38
N VAL B 114 -3.18 -6.29 -4.04
CA VAL B 114 -3.08 -5.58 -2.76
C VAL B 114 -4.30 -5.91 -1.91
N VAL B 115 -4.07 -6.56 -0.78
CA VAL B 115 -5.16 -6.92 0.12
C VAL B 115 -5.10 -6.19 1.43
N MET B 116 -6.10 -5.35 1.67
CA MET B 116 -6.22 -4.59 2.91
C MET B 116 -6.98 -5.47 3.92
N ILE B 117 -6.33 -5.80 5.03
CA ILE B 117 -6.94 -6.63 6.08
C ILE B 117 -7.27 -5.78 7.30
N SER B 118 -8.55 -5.47 7.45
CA SER B 118 -9.01 -4.65 8.57
C SER B 118 -9.41 -5.45 9.79
N CYS B 119 -9.30 -4.81 10.95
CA CYS B 119 -9.62 -5.44 12.22
C CYS B 119 -11.11 -5.68 12.48
N ASN B 120 -11.46 -6.92 12.77
CA ASN B 120 -12.81 -7.29 13.08
C ASN B 120 -12.65 -8.32 14.20
N ARG B 121 -12.98 -7.90 15.42
CA ARG B 121 -12.88 -8.71 16.63
C ARG B 121 -13.75 -9.96 16.58
N HIS B 122 -14.74 -9.92 15.70
CA HIS B 122 -15.74 -10.98 15.56
C HIS B 122 -15.37 -12.22 14.77
N THR B 123 -14.25 -12.20 14.06
CA THR B 123 -13.92 -13.36 13.24
C THR B 123 -12.46 -13.45 12.85
N LEU B 124 -11.94 -14.68 12.83
CA LEU B 124 -10.56 -14.91 12.43
C LEU B 124 -10.32 -14.40 11.00
N ALA B 125 -11.33 -14.57 10.15
CA ALA B 125 -11.25 -14.12 8.76
C ALA B 125 -12.61 -14.27 8.09
N ASP B 126 -13.00 -13.24 7.31
CA ASP B 126 -14.29 -13.26 6.61
C ASP B 126 -14.49 -11.96 5.81
N ASN B 127 -15.49 -11.97 4.93
CA ASN B 127 -15.81 -10.80 4.10
C ASN B 127 -14.74 -10.40 3.08
N PHE B 128 -14.13 -11.40 2.44
CA PHE B 128 -13.11 -11.15 1.42
C PHE B 128 -13.81 -10.53 0.21
N ASN B 129 -13.54 -9.26 -0.07
CA ASN B 129 -14.21 -8.60 -1.18
C ASN B 129 -13.31 -7.80 -2.10
N PRO B 130 -13.45 -8.01 -3.43
CA PRO B 130 -12.66 -7.29 -4.45
C PRO B 130 -13.17 -5.85 -4.46
N VAL B 131 -12.27 -4.88 -4.62
CA VAL B 131 -12.70 -3.49 -4.61
C VAL B 131 -12.52 -2.81 -5.97
N SER B 132 -11.33 -2.97 -6.57
CA SER B 132 -11.07 -2.36 -7.86
C SER B 132 -9.80 -2.87 -8.52
N GLU B 133 -9.59 -2.41 -9.74
CA GLU B 133 -8.39 -2.77 -10.50
C GLU B 133 -7.91 -1.48 -11.14
N GLU B 134 -6.64 -1.16 -10.89
CA GLU B 134 -6.05 0.04 -11.45
C GLU B 134 -5.14 -0.38 -12.59
N ARG B 135 -5.65 -0.30 -13.83
CA ARG B 135 -4.85 -0.64 -15.00
C ARG B 135 -4.81 0.52 -15.98
N GLY B 136 -4.83 1.74 -15.44
CA GLY B 136 -4.79 2.91 -16.29
C GLY B 136 -3.54 3.75 -16.09
N LYS B 137 -2.50 3.18 -15.51
CA LYS B 137 -1.27 3.92 -15.29
C LYS B 137 -0.15 3.32 -16.14
N VAL B 138 0.93 4.07 -16.35
CA VAL B 138 2.02 3.53 -17.15
C VAL B 138 2.82 2.52 -16.33
N GLN B 139 2.60 2.51 -15.02
CA GLN B 139 3.31 1.59 -14.13
C GLN B 139 2.63 1.58 -12.75
N ASP B 140 3.00 0.60 -11.94
CA ASP B 140 2.44 0.46 -10.60
C ASP B 140 0.92 0.30 -10.59
N CYS B 141 0.44 -0.66 -11.38
CA CYS B 141 -0.99 -0.97 -11.45
C CYS B 141 -1.21 -2.04 -10.39
N PHE B 142 -2.46 -2.44 -10.16
CA PHE B 142 -2.73 -3.45 -9.14
C PHE B 142 -4.22 -3.70 -8.95
N TYR B 143 -4.52 -4.79 -8.25
CA TYR B 143 -5.89 -5.17 -7.92
C TYR B 143 -6.03 -4.99 -6.42
N LEU B 144 -7.14 -4.42 -5.98
CA LEU B 144 -7.37 -4.18 -4.56
C LEU B 144 -8.50 -5.08 -4.06
N PHE B 145 -8.33 -5.59 -2.84
CA PHE B 145 -9.33 -6.44 -2.19
C PHE B 145 -9.27 -6.06 -0.72
N GLU B 146 -10.30 -6.43 0.04
CA GLU B 146 -10.34 -6.14 1.46
C GLU B 146 -10.92 -7.36 2.16
N MET B 147 -10.62 -7.51 3.44
CA MET B 147 -11.18 -8.61 4.20
C MET B 147 -11.02 -8.33 5.67
N ASP B 148 -11.85 -8.98 6.48
CA ASP B 148 -11.78 -8.81 7.91
C ASP B 148 -10.95 -9.93 8.52
N SER B 149 -10.41 -9.67 9.71
CA SER B 149 -9.62 -10.65 10.44
C SER B 149 -9.35 -10.08 11.82
N SER B 150 -9.40 -10.95 12.83
CA SER B 150 -9.14 -10.47 14.17
C SER B 150 -7.63 -10.32 14.35
N LEU B 151 -6.86 -10.97 13.46
CA LEU B 151 -5.41 -10.89 13.55
C LEU B 151 -4.91 -9.49 13.28
N ALA B 152 -5.72 -8.71 12.57
CA ALA B 152 -5.34 -7.34 12.21
C ALA B 152 -5.61 -6.37 13.34
N CYS B 153 -6.15 -6.88 14.45
CA CYS B 153 -6.45 -6.05 15.60
C CYS B 153 -5.30 -5.94 16.60
N SER B 154 -5.36 -4.91 17.42
CA SER B 154 -4.38 -4.67 18.45
C SER B 154 -5.13 -4.38 19.75
C1 MAN C . 25.11 7.62 12.55
C2 MAN C . 23.92 7.92 11.54
C3 MAN C . 24.29 9.20 10.67
C4 MAN C . 24.46 10.39 11.66
C5 MAN C . 25.64 10.05 12.70
C6 MAN C . 25.86 11.18 13.76
O1 MAN C . 24.82 6.48 13.35
O2 MAN C . 22.72 8.28 12.44
O3 MAN C . 23.23 9.47 9.73
O4 MAN C . 24.78 11.62 10.92
O5 MAN C . 25.32 8.80 13.45
O6 MAN C . 26.18 12.46 13.15
C1 MAN C . 21.35 7.97 12.10
C2 MAN C . 20.29 9.11 12.59
C3 MAN C . 20.10 9.07 14.13
C4 MAN C . 19.59 7.67 14.54
C5 MAN C . 20.67 6.63 14.14
C6 MAN C . 20.28 5.17 14.49
O2 MAN C . 18.88 8.91 12.04
O3 MAN C . 19.16 10.07 14.48
O4 MAN C . 19.40 7.63 15.95
O5 MAN C . 20.94 6.66 12.68
O6 MAN C . 19.99 5.03 15.90
C1 M6P C . 18.37 9.48 10.76
C2 M6P C . 16.86 9.04 10.52
C3 M6P C . 16.74 7.49 10.39
C4 M6P C . 17.63 7.05 9.16
C5 M6P C . 19.10 7.43 9.56
C6 M6P C . 20.19 7.21 8.60
O2 M6P C . 16.42 9.62 9.28
O3 M6P C . 15.37 7.22 10.19
O4 M6P C . 17.56 5.65 8.99
O5 M6P C . 19.24 8.88 9.76
O6 M6P C . 20.44 5.95 8.16
P M6P C . 21.67 5.96 7.15
O1P M6P C . 21.94 4.45 6.71
O2P M6P C . 21.34 6.86 5.88
O3P M6P C . 22.97 6.57 7.90
C1 MAN D . -9.36 -8.37 -25.12
C2 MAN D . -8.57 -9.17 -24.01
C3 MAN D . -8.17 -10.59 -24.58
C4 MAN D . -9.51 -11.33 -24.93
C5 MAN D . -10.31 -10.49 -26.03
C6 MAN D . -11.68 -11.12 -26.42
O1 MAN D . -9.75 -7.07 -24.65
O2 MAN D . -9.60 -9.35 -22.87
O3 MAN D . -7.43 -11.33 -23.58
O4 MAN D . -9.20 -12.67 -25.45
O5 MAN D . -10.59 -9.12 -25.52
O6 MAN D . -11.55 -12.46 -26.96
C1 MAN D . -9.40 -8.88 -21.52
C2 MAN D . -10.34 -9.64 -20.44
C3 MAN D . -11.83 -9.16 -20.54
C4 MAN D . -11.87 -7.64 -20.27
C5 MAN D . -11.04 -6.93 -21.40
C6 MAN D . -10.99 -5.37 -21.26
O2 MAN D . -9.95 -9.35 -19.00
O3 MAN D . -12.56 -9.85 -19.57
O4 MAN D . -13.23 -7.17 -20.33
O5 MAN D . -9.64 -7.41 -21.40
O6 MAN D . -12.31 -4.78 -21.25
C1 M6P D . -8.79 -9.98 -18.28
C2 M6P D . -8.68 -9.43 -16.77
C3 M6P D . -8.40 -7.90 -16.76
C4 M6P D . -7.07 -7.64 -17.53
C5 M6P D . -7.32 -8.12 -18.99
C6 M6P D . -6.21 -8.06 -19.96
O2 M6P D . -7.56 -10.10 -16.14
O3 M6P D . -8.33 -7.51 -15.39
O4 M6P D . -6.78 -6.27 -17.53
O5 M6P D . -7.66 -9.54 -19.08
O6 M6P D . -5.59 -6.89 -20.22
P M6P D . -4.45 -7.10 -21.32
O1P M6P D . -3.73 -5.69 -21.59
O2P M6P D . -3.40 -8.21 -20.82
O3P M6P D . -5.10 -7.65 -22.69
C1 NAG E . 11.32 15.15 -8.03
C2 NAG E . 12.08 14.60 -9.25
C3 NAG E . 13.57 14.45 -8.92
C4 NAG E . 14.13 15.77 -8.40
C5 NAG E . 13.31 16.21 -7.19
C6 NAG E . 13.78 17.54 -6.61
C7 NAG E . 10.76 13.19 -10.69
C8 NAG E . 9.26 13.06 -10.47
N2 NAG E . 11.53 13.31 -9.61
O3 NAG E . 14.29 14.06 -10.08
O4 NAG E . 15.50 15.62 -8.05
O5 NAG E . 11.92 16.38 -7.56
O6 NAG E . 14.04 18.48 -7.62
O7 NAG E . 11.21 13.19 -11.84
MN MN F . 22.07 9.05 6.35
C1 NAG G . 8.71 -16.77 -8.50
C2 NAG G . 10.09 -16.47 -9.08
C3 NAG G . 10.02 -16.32 -10.60
C4 NAG G . 9.31 -17.52 -11.23
C5 NAG G . 7.94 -17.72 -10.57
C6 NAG G . 7.23 -18.94 -11.10
C7 NAG G . 11.14 -15.27 -7.26
C8 NAG G . 10.89 -14.06 -6.38
N2 NAG G . 10.61 -15.25 -8.48
O3 NAG G . 11.33 -16.21 -11.13
O4 NAG G . 9.16 -17.31 -12.62
O5 NAG G . 8.09 -17.89 -9.15
O6 NAG G . 7.86 -20.13 -10.66
O7 NAG G . 11.81 -16.22 -6.84
MN MN H . -4.10 -10.59 -21.46
#